data_5RZZ
#
_entry.id   5RZZ
#
_cell.length_a   38.530
_cell.length_b   77.100
_cell.length_c   99.570
_cell.angle_alpha   90.000
_cell.angle_beta   90.000
_cell.angle_gamma   90.000
#
_symmetry.space_group_name_H-M   'P 21 21 21'
#
loop_
_entity.id
_entity.type
_entity.pdbx_description
1 polymer 'Isoform 2 of Band 4.1-like protein 3'
2 non-polymer (2R)-3-(4-bromophenyl)-2-methylpropanamide
3 non-polymer 'DIMETHYL SULFOXIDE'
4 non-polymer 1,2-ETHANEDIOL
5 water water
#
_entity_poly.entity_id   1
_entity_poly.type   'polypeptide(L)'
_entity_poly.pdbx_seq_one_letter_code
;SMPKSMQCKVILLDGSEYTCDVEKRSRGQVLFDKVCEHLNLLEKDYFGLTYRDAENQKNWLDPAKEIKKQVRSGAWHFSF
NVKFYPPDPAQLSEDITRYYLCLQLRDDIVSGRLPCSFVTLALLGSYTVQSELGDYDPDECGSDYISEFRFAPNHTKELE
DKVIELHKSHRGMTPAEAEMHFLENAKKLSMYGVDLHHAKDSEGVEIMLGVCASGLLIYRDRLRINRFAWPKVLKISYKR
NNFYIKIRPGEFEQFESTIGFKLPNHRAAKRLWKVCVEHHTFFRLL
;
_entity_poly.pdbx_strand_id   A
#
# COMPACT_ATOMS: atom_id res chain seq x y z
N PRO A 3 -29.05 -20.11 -9.54
CA PRO A 3 -28.09 -19.00 -9.32
C PRO A 3 -26.67 -19.33 -9.81
N LYS A 4 -26.21 -18.66 -10.86
CA LYS A 4 -24.89 -18.94 -11.47
C LYS A 4 -23.80 -18.21 -10.70
N SER A 5 -22.74 -18.93 -10.32
N SER A 5 -22.78 -18.97 -10.29
CA SER A 5 -21.63 -18.41 -9.50
CA SER A 5 -21.61 -18.52 -9.51
C SER A 5 -20.32 -18.48 -10.29
C SER A 5 -20.43 -18.31 -10.46
N MET A 6 -19.43 -17.50 -10.05
CA MET A 6 -18.12 -17.37 -10.74
C MET A 6 -17.06 -17.69 -9.70
N GLN A 7 -16.04 -18.43 -10.11
CA GLN A 7 -14.91 -18.76 -9.24
C GLN A 7 -14.01 -17.53 -9.12
N CYS A 8 -13.64 -17.14 -7.91
CA CYS A 8 -12.68 -16.04 -7.66
C CYS A 8 -11.41 -16.61 -7.07
N LYS A 9 -10.26 -16.12 -7.55
CA LYS A 9 -8.92 -16.46 -7.00
C LYS A 9 -8.28 -15.18 -6.45
N VAL A 10 -7.89 -15.24 -5.18
CA VAL A 10 -7.33 -14.04 -4.50
C VAL A 10 -5.94 -14.40 -4.01
N ILE A 11 -4.94 -13.63 -4.43
CA ILE A 11 -3.57 -13.73 -3.89
C ILE A 11 -3.57 -13.02 -2.54
N LEU A 12 -3.27 -13.76 -1.48
CA LEU A 12 -3.15 -13.24 -0.10
C LEU A 12 -1.75 -12.70 0.13
N LEU A 13 -1.59 -11.92 1.20
CA LEU A 13 -0.34 -11.16 1.44
C LEU A 13 0.82 -12.12 1.78
N ASP A 14 0.54 -13.36 2.21
CA ASP A 14 1.61 -14.39 2.43
C ASP A 14 1.95 -15.10 1.11
N GLY A 15 1.32 -14.71 0.00
CA GLY A 15 1.58 -15.30 -1.32
C GLY A 15 0.71 -16.51 -1.62
N SER A 16 -0.12 -16.97 -0.67
CA SER A 16 -1.03 -18.10 -0.90
C SER A 16 -2.27 -17.60 -1.67
N GLU A 17 -3.01 -18.54 -2.24
CA GLU A 17 -4.19 -18.32 -3.12
C GLU A 17 -5.44 -18.78 -2.35
N TYR A 18 -6.42 -17.90 -2.19
CA TYR A 18 -7.76 -18.27 -1.67
C TYR A 18 -8.67 -18.35 -2.88
N THR A 19 -9.48 -19.40 -2.95
CA THR A 19 -10.48 -19.63 -4.03
C THR A 19 -11.85 -19.66 -3.37
N CYS A 20 -12.79 -18.91 -3.91
CA CYS A 20 -14.21 -19.03 -3.52
C CYS A 20 -15.08 -18.75 -4.74
N ASP A 21 -16.39 -18.89 -4.56
CA ASP A 21 -17.40 -18.63 -5.60
C ASP A 21 -18.30 -17.53 -5.08
N VAL A 22 -18.72 -16.63 -5.95
CA VAL A 22 -19.79 -15.63 -5.68
C VAL A 22 -20.77 -15.67 -6.86
N GLU A 23 -22.04 -15.35 -6.62
CA GLU A 23 -23.04 -15.17 -7.69
C GLU A 23 -22.45 -14.17 -8.70
N LYS A 24 -22.70 -14.38 -10.01
CA LYS A 24 -21.96 -13.67 -11.09
C LYS A 24 -22.27 -12.16 -11.08
N ARG A 25 -23.43 -11.73 -10.57
CA ARG A 25 -23.81 -10.29 -10.45
C ARG A 25 -23.38 -9.70 -9.09
N SER A 26 -22.59 -10.41 -8.29
CA SER A 26 -22.11 -9.92 -6.96
C SER A 26 -21.34 -8.58 -7.09
N ARG A 27 -21.54 -7.73 -6.08
CA ARG A 27 -20.73 -6.51 -5.85
C ARG A 27 -19.42 -6.90 -5.21
N GLY A 28 -18.40 -6.04 -5.31
CA GLY A 28 -17.05 -6.33 -4.78
C GLY A 28 -17.10 -6.64 -3.29
N GLN A 29 -18.01 -5.99 -2.54
CA GLN A 29 -18.07 -6.16 -1.06
C GLN A 29 -18.29 -7.63 -0.71
N VAL A 30 -19.09 -8.34 -1.52
CA VAL A 30 -19.45 -9.77 -1.25
C VAL A 30 -18.14 -10.59 -1.21
N LEU A 31 -17.29 -10.49 -2.22
CA LEU A 31 -16.00 -11.22 -2.29
C LEU A 31 -15.08 -10.74 -1.15
N PHE A 32 -15.00 -9.44 -0.95
CA PHE A 32 -14.12 -8.88 0.11
C PHE A 32 -14.52 -9.45 1.48
N ASP A 33 -15.82 -9.50 1.79
CA ASP A 33 -16.32 -10.02 3.08
C ASP A 33 -15.85 -11.47 3.24
N LYS A 34 -15.94 -12.29 2.19
CA LYS A 34 -15.48 -13.71 2.23
C LYS A 34 -13.98 -13.75 2.50
N VAL A 35 -13.19 -12.93 1.81
CA VAL A 35 -11.72 -12.95 2.02
C VAL A 35 -11.40 -12.56 3.48
N CYS A 36 -12.01 -11.49 3.97
CA CYS A 36 -11.74 -10.98 5.33
C CYS A 36 -12.14 -12.03 6.38
N GLU A 37 -13.27 -12.72 6.19
CA GLU A 37 -13.69 -13.82 7.09
C GLU A 37 -12.60 -14.90 7.07
N HIS A 38 -12.18 -15.35 5.90
CA HIS A 38 -11.05 -16.32 5.77
C HIS A 38 -9.85 -15.83 6.58
N LEU A 39 -9.54 -14.52 6.53
CA LEU A 39 -8.31 -14.00 7.18
C LEU A 39 -8.53 -13.71 8.67
N ASN A 40 -9.75 -13.90 9.21
CA ASN A 40 -10.15 -13.50 10.60
C ASN A 40 -9.87 -12.00 10.83
N LEU A 41 -10.13 -11.17 9.81
CA LEU A 41 -9.79 -9.73 9.84
C LEU A 41 -11.08 -8.94 10.15
N LEU A 42 -11.06 -8.17 11.23
CA LEU A 42 -12.23 -7.35 11.65
C LEU A 42 -12.00 -5.90 11.23
N GLU A 43 -10.76 -5.40 11.28
CA GLU A 43 -10.51 -3.98 10.97
C GLU A 43 -10.34 -3.88 9.46
N LYS A 44 -11.43 -4.08 8.72
CA LYS A 44 -11.45 -4.31 7.24
C LYS A 44 -11.27 -3.02 6.43
N ASP A 45 -11.58 -1.86 7.03
CA ASP A 45 -11.67 -0.54 6.36
C ASP A 45 -10.34 -0.12 5.73
N TYR A 46 -9.21 -0.61 6.24
CA TYR A 46 -7.86 -0.24 5.74
C TYR A 46 -7.52 -1.02 4.46
N PHE A 47 -8.32 -2.03 4.09
CA PHE A 47 -7.90 -3.04 3.07
C PHE A 47 -8.86 -3.02 1.87
N GLY A 48 -8.51 -3.73 0.82
CA GLY A 48 -9.31 -3.80 -0.40
C GLY A 48 -8.75 -4.89 -1.29
N LEU A 49 -9.42 -5.12 -2.40
CA LEU A 49 -8.96 -6.08 -3.42
C LEU A 49 -8.56 -5.27 -4.64
N THR A 50 -7.48 -5.71 -5.28
CA THR A 50 -7.05 -5.15 -6.57
C THR A 50 -7.21 -6.22 -7.64
N TYR A 51 -7.27 -5.79 -8.89
CA TYR A 51 -7.11 -6.68 -10.07
C TYR A 51 -6.16 -5.99 -11.05
N ARG A 52 -5.60 -6.74 -12.00
CA ARG A 52 -4.76 -6.20 -13.10
C ARG A 52 -5.58 -6.26 -14.39
N ASP A 53 -5.65 -5.16 -15.14
CA ASP A 53 -6.34 -5.07 -16.45
C ASP A 53 -5.43 -5.62 -17.55
N ALA A 54 -5.88 -5.57 -18.80
CA ALA A 54 -5.20 -6.17 -19.97
C ALA A 54 -3.79 -5.57 -20.10
N GLU A 55 -3.55 -4.43 -19.45
CA GLU A 55 -2.27 -3.68 -19.49
C GLU A 55 -1.43 -4.05 -18.25
N ASN A 56 -1.96 -4.95 -17.42
CA ASN A 56 -1.36 -5.41 -16.13
C ASN A 56 -1.18 -4.19 -15.20
N GLN A 57 -2.05 -3.19 -15.32
CA GLN A 57 -2.15 -2.06 -14.37
C GLN A 57 -3.05 -2.46 -13.20
N LYS A 58 -2.71 -2.03 -11.99
CA LYS A 58 -3.49 -2.31 -10.75
C LYS A 58 -4.70 -1.36 -10.72
N ASN A 59 -5.85 -1.91 -10.33
CA ASN A 59 -7.11 -1.17 -10.10
C ASN A 59 -7.71 -1.63 -8.78
N TRP A 60 -8.27 -0.73 -7.97
CA TRP A 60 -9.02 -1.11 -6.77
C TRP A 60 -10.37 -1.66 -7.23
N LEU A 61 -10.76 -2.82 -6.75
CA LEU A 61 -12.14 -3.34 -6.94
C LEU A 61 -13.09 -2.51 -6.08
N ASP A 62 -14.02 -1.81 -6.72
CA ASP A 62 -15.00 -0.98 -5.96
C ASP A 62 -16.01 -1.92 -5.32
N PRO A 63 -16.08 -1.91 -3.97
CA PRO A 63 -16.95 -2.81 -3.24
C PRO A 63 -18.43 -2.57 -3.54
N ALA A 64 -18.79 -1.36 -3.95
CA ALA A 64 -20.19 -0.94 -4.21
C ALA A 64 -20.67 -1.33 -5.62
N LYS A 65 -19.76 -1.74 -6.52
CA LYS A 65 -20.11 -2.00 -7.94
C LYS A 65 -20.02 -3.49 -8.26
N GLU A 66 -20.75 -3.93 -9.29
CA GLU A 66 -20.68 -5.33 -9.72
C GLU A 66 -19.22 -5.66 -10.07
N ILE A 67 -18.77 -6.82 -9.64
CA ILE A 67 -17.42 -7.33 -9.99
C ILE A 67 -17.28 -7.39 -11.52
N LYS A 68 -18.30 -7.94 -12.20
CA LYS A 68 -18.24 -8.21 -13.66
C LYS A 68 -18.10 -6.89 -14.43
N LYS A 69 -18.66 -5.79 -13.94
CA LYS A 69 -18.58 -4.49 -14.64
C LYS A 69 -17.22 -3.83 -14.40
N GLN A 70 -16.35 -4.42 -13.57
CA GLN A 70 -15.00 -3.91 -13.32
C GLN A 70 -13.99 -4.80 -14.03
N VAL A 71 -14.02 -6.12 -13.80
CA VAL A 71 -13.03 -7.05 -14.43
C VAL A 71 -13.35 -7.16 -15.93
N ARG A 72 -14.62 -6.99 -16.30
CA ARG A 72 -15.12 -6.83 -17.70
C ARG A 72 -14.68 -8.06 -18.49
N SER A 73 -13.64 -7.95 -19.32
CA SER A 73 -13.17 -9.06 -20.19
C SER A 73 -12.18 -9.96 -19.44
N GLY A 74 -11.58 -9.48 -18.35
CA GLY A 74 -10.46 -10.13 -17.64
C GLY A 74 -10.89 -11.28 -16.73
N ALA A 75 -9.91 -12.06 -16.28
CA ALA A 75 -10.09 -13.19 -15.33
C ALA A 75 -10.56 -12.62 -13.99
N TRP A 76 -11.27 -13.43 -13.21
CA TRP A 76 -11.70 -13.07 -11.83
C TRP A 76 -10.58 -13.44 -10.86
N HIS A 77 -9.45 -12.76 -11.04
CA HIS A 77 -8.20 -12.94 -10.28
C HIS A 77 -7.91 -11.62 -9.57
N PHE A 78 -7.64 -11.71 -8.27
CA PHE A 78 -7.50 -10.50 -7.43
C PHE A 78 -6.32 -10.67 -6.51
N SER A 79 -5.93 -9.55 -5.89
CA SER A 79 -4.98 -9.54 -4.76
C SER A 79 -5.63 -8.83 -3.59
N PHE A 80 -5.30 -9.27 -2.39
CA PHE A 80 -5.70 -8.64 -1.14
C PHE A 80 -4.58 -7.69 -0.73
N ASN A 81 -4.91 -6.42 -0.49
CA ASN A 81 -3.90 -5.36 -0.25
C ASN A 81 -4.37 -4.33 0.77
N VAL A 82 -3.39 -3.66 1.34
CA VAL A 82 -3.68 -2.46 2.17
C VAL A 82 -4.05 -1.34 1.19
N LYS A 83 -5.17 -0.70 1.44
CA LYS A 83 -5.64 0.44 0.64
C LYS A 83 -5.29 1.75 1.35
N PHE A 84 -5.57 1.85 2.65
CA PHE A 84 -5.31 3.07 3.47
C PHE A 84 -4.30 2.72 4.56
N TYR A 85 -3.06 3.18 4.41
CA TYR A 85 -1.99 2.86 5.38
C TYR A 85 -2.23 3.71 6.62
N PRO A 86 -2.49 3.10 7.79
CA PRO A 86 -2.68 3.87 9.03
C PRO A 86 -1.45 4.70 9.36
N PRO A 87 -1.57 6.03 9.59
CA PRO A 87 -0.42 6.83 10.02
C PRO A 87 0.09 6.40 11.40
N ASP A 88 -0.77 5.85 12.25
CA ASP A 88 -0.31 5.36 13.58
C ASP A 88 -0.84 3.96 13.81
N PRO A 89 -0.08 2.94 13.37
CA PRO A 89 -0.50 1.55 13.47
C PRO A 89 -0.69 1.10 14.93
N ALA A 90 -0.01 1.73 15.90
CA ALA A 90 -0.21 1.45 17.34
C ALA A 90 -1.67 1.66 17.74
N GLN A 91 -2.42 2.49 17.00
CA GLN A 91 -3.82 2.79 17.40
C GLN A 91 -4.78 1.81 16.76
N LEU A 92 -4.33 0.88 15.90
CA LEU A 92 -5.24 -0.19 15.44
C LEU A 92 -5.65 -1.03 16.65
N SER A 93 -6.87 -1.57 16.64
CA SER A 93 -7.39 -2.29 17.82
C SER A 93 -6.84 -3.74 17.88
N GLU A 94 -6.47 -4.36 16.74
CA GLU A 94 -6.10 -5.80 16.74
C GLU A 94 -4.68 -6.02 16.20
N ASP A 95 -3.98 -6.92 16.88
CA ASP A 95 -2.67 -7.42 16.45
C ASP A 95 -2.81 -7.99 15.03
N ILE A 96 -3.90 -8.68 14.71
CA ILE A 96 -3.95 -9.38 13.40
C ILE A 96 -4.00 -8.33 12.29
N THR A 97 -4.56 -7.15 12.57
CA THR A 97 -4.57 -6.02 11.62
C THR A 97 -3.13 -5.58 11.37
N ARG A 98 -2.38 -5.43 12.45
CA ARG A 98 -0.96 -4.96 12.34
C ARG A 98 -0.18 -6.03 11.58
N TYR A 99 -0.55 -7.30 11.76
CA TYR A 99 0.14 -8.43 11.08
C TYR A 99 -0.01 -8.29 9.56
N TYR A 100 -1.23 -8.12 9.06
CA TYR A 100 -1.46 -8.02 7.60
C TYR A 100 -0.79 -6.74 7.09
N LEU A 101 -0.83 -5.65 7.87
CA LEU A 101 -0.10 -4.43 7.49
C LEU A 101 1.40 -4.72 7.33
N CYS A 102 2.03 -5.47 8.24
CA CYS A 102 3.45 -5.88 8.13
C CYS A 102 3.67 -6.66 6.83
N LEU A 103 2.81 -7.64 6.52
CA LEU A 103 3.01 -8.47 5.31
C LEU A 103 2.97 -7.56 4.07
N GLN A 104 2.05 -6.60 4.04
CA GLN A 104 1.94 -5.67 2.87
C GLN A 104 3.24 -4.86 2.77
N LEU A 105 3.71 -4.34 3.90
CA LEU A 105 4.91 -3.49 3.91
C LEU A 105 6.13 -4.30 3.47
N ARG A 106 6.21 -5.58 3.87
CA ARG A 106 7.32 -6.45 3.43
C ARG A 106 7.35 -6.49 1.91
N ASP A 107 6.19 -6.56 1.27
CA ASP A 107 6.10 -6.61 -0.22
C ASP A 107 6.42 -5.23 -0.79
N ASP A 108 5.95 -4.18 -0.14
CA ASP A 108 6.27 -2.78 -0.53
C ASP A 108 7.79 -2.63 -0.57
N ILE A 109 8.48 -3.23 0.40
CA ILE A 109 9.96 -3.06 0.52
C ILE A 109 10.63 -3.90 -0.57
N VAL A 110 10.31 -5.19 -0.66
CA VAL A 110 11.02 -6.15 -1.56
C VAL A 110 10.83 -5.66 -3.01
N SER A 111 9.65 -5.11 -3.30
CA SER A 111 9.23 -4.61 -4.63
C SER A 111 9.97 -3.33 -4.97
N GLY A 112 10.41 -2.57 -3.98
CA GLY A 112 11.10 -1.29 -4.18
C GLY A 112 10.14 -0.13 -4.25
N ARG A 113 8.83 -0.33 -4.02
CA ARG A 113 7.83 0.75 -3.87
C ARG A 113 8.12 1.58 -2.62
N LEU A 114 8.73 0.97 -1.59
CA LEU A 114 9.06 1.65 -0.31
C LEU A 114 10.57 1.67 -0.14
N PRO A 115 11.24 2.72 -0.60
CA PRO A 115 12.69 2.79 -0.47
C PRO A 115 13.08 2.82 1.00
N CYS A 116 14.26 2.29 1.28
N CYS A 116 14.18 2.13 1.31
CA CYS A 116 14.73 2.00 2.65
CA CYS A 116 14.76 2.00 2.66
C CYS A 116 16.26 1.98 2.68
C CYS A 116 16.28 2.16 2.58
N SER A 117 16.88 2.66 3.65
CA SER A 117 18.33 2.60 3.92
C SER A 117 18.69 1.15 4.27
N PHE A 118 19.96 0.82 4.08
CA PHE A 118 20.57 -0.46 4.49
C PHE A 118 20.18 -0.78 5.94
N VAL A 119 20.39 0.16 6.86
CA VAL A 119 20.18 -0.13 8.30
C VAL A 119 18.68 -0.40 8.54
N THR A 120 17.79 0.37 7.95
CA THR A 120 16.34 0.16 8.13
C THR A 120 15.91 -1.16 7.48
N LEU A 121 16.45 -1.52 6.33
CA LEU A 121 16.16 -2.87 5.76
C LEU A 121 16.54 -3.94 6.78
N ALA A 122 17.73 -3.87 7.35
CA ALA A 122 18.24 -4.86 8.32
C ALA A 122 17.37 -4.86 9.58
N LEU A 123 17.01 -3.69 10.10
CA LEU A 123 16.20 -3.63 11.34
C LEU A 123 14.81 -4.22 11.09
N LEU A 124 14.11 -3.80 10.03
CA LEU A 124 12.80 -4.38 9.62
C LEU A 124 12.94 -5.90 9.44
N GLY A 125 13.94 -6.35 8.68
CA GLY A 125 14.21 -7.79 8.48
C GLY A 125 14.36 -8.50 9.83
N SER A 126 15.12 -7.91 10.77
CA SER A 126 15.35 -8.52 12.12
C SER A 126 14.04 -8.70 12.89
N TYR A 127 13.12 -7.74 12.86
CA TYR A 127 11.81 -7.85 13.54
C TYR A 127 10.96 -8.94 12.85
N THR A 128 10.97 -9.01 11.54
CA THR A 128 10.22 -10.07 10.80
C THR A 128 10.75 -11.44 11.26
N VAL A 129 12.07 -11.62 11.25
CA VAL A 129 12.67 -12.92 11.68
C VAL A 129 12.23 -13.19 13.13
N GLN A 130 12.31 -12.21 14.02
CA GLN A 130 11.96 -12.43 15.43
C GLN A 130 10.50 -12.89 15.50
N SER A 131 9.61 -12.19 14.80
N SER A 131 9.62 -12.23 14.73
CA SER A 131 8.17 -12.52 14.72
CA SER A 131 8.16 -12.49 14.71
C SER A 131 8.00 -13.96 14.20
C SER A 131 7.85 -13.83 14.04
N GLU A 132 8.67 -14.29 13.10
CA GLU A 132 8.41 -15.55 12.33
C GLU A 132 9.10 -16.76 12.98
N LEU A 133 10.34 -16.64 13.44
CA LEU A 133 11.12 -17.77 14.02
C LEU A 133 11.29 -17.64 15.53
N GLY A 134 11.01 -16.50 16.13
CA GLY A 134 11.31 -16.34 17.56
C GLY A 134 12.78 -16.04 17.78
N ASP A 135 13.30 -16.41 18.95
CA ASP A 135 14.62 -15.99 19.45
C ASP A 135 15.69 -16.50 18.51
N TYR A 136 16.75 -15.69 18.32
CA TYR A 136 17.97 -16.08 17.59
C TYR A 136 18.46 -17.45 18.08
N ASP A 137 18.74 -18.32 17.12
CA ASP A 137 19.31 -19.68 17.32
C ASP A 137 20.54 -19.84 16.42
N PRO A 138 21.75 -19.91 17.02
CA PRO A 138 22.98 -20.09 16.23
C PRO A 138 23.01 -21.40 15.42
N ASP A 139 22.20 -22.41 15.80
CA ASP A 139 22.19 -23.78 15.20
C ASP A 139 21.76 -23.73 13.74
N GLU A 140 20.84 -22.83 13.39
CA GLU A 140 20.29 -22.69 12.01
C GLU A 140 21.17 -21.74 11.19
N CYS A 141 21.95 -20.88 11.88
CA CYS A 141 22.73 -19.77 11.27
C CYS A 141 24.23 -19.95 11.55
N GLY A 142 24.99 -20.32 10.53
CA GLY A 142 26.47 -20.26 10.52
C GLY A 142 26.93 -18.96 9.90
N SER A 143 28.25 -18.78 9.74
CA SER A 143 28.90 -17.57 9.17
C SER A 143 28.51 -17.38 7.70
N ASP A 144 27.84 -18.37 7.08
CA ASP A 144 27.43 -18.33 5.65
C ASP A 144 25.89 -18.26 5.52
N TYR A 145 25.16 -17.85 6.56
CA TYR A 145 23.67 -17.94 6.56
C TYR A 145 23.04 -16.93 5.58
N ILE A 146 22.09 -17.42 4.79
CA ILE A 146 21.15 -16.62 3.96
C ILE A 146 19.71 -17.06 4.29
N SER A 147 18.90 -16.13 4.80
CA SER A 147 17.50 -16.33 5.24
C SER A 147 16.62 -16.66 4.05
N GLU A 148 15.55 -17.42 4.31
CA GLU A 148 14.49 -17.68 3.29
C GLU A 148 13.72 -16.37 3.07
N PHE A 149 13.73 -15.49 4.07
CA PHE A 149 12.92 -14.25 4.06
C PHE A 149 13.59 -13.32 3.07
N ARG A 150 12.75 -12.76 2.23
CA ARG A 150 13.03 -11.63 1.33
C ARG A 150 12.89 -10.36 2.16
N PHE A 151 13.95 -9.58 2.21
CA PHE A 151 14.07 -8.36 3.04
C PHE A 151 14.23 -7.12 2.18
N ALA A 152 14.55 -7.23 0.90
CA ALA A 152 15.03 -6.08 0.13
C ALA A 152 14.91 -6.33 -1.36
N PRO A 153 14.90 -5.25 -2.14
CA PRO A 153 14.88 -5.37 -3.60
C PRO A 153 16.16 -6.02 -4.14
N ASN A 154 17.28 -5.82 -3.45
CA ASN A 154 18.57 -6.49 -3.80
C ASN A 154 19.27 -6.93 -2.50
N HIS A 155 19.37 -8.24 -2.36
CA HIS A 155 20.00 -8.92 -1.21
C HIS A 155 21.52 -8.95 -1.35
N THR A 156 22.22 -8.70 -0.25
CA THR A 156 23.69 -8.80 -0.15
C THR A 156 24.00 -9.63 1.08
N LYS A 157 25.18 -10.24 1.08
CA LYS A 157 25.61 -11.00 2.28
C LYS A 157 25.71 -10.04 3.46
N GLU A 158 26.20 -8.81 3.24
CA GLU A 158 26.29 -7.75 4.27
C GLU A 158 24.90 -7.54 4.92
N LEU A 159 23.83 -7.47 4.12
CA LEU A 159 22.50 -7.25 4.69
C LEU A 159 22.09 -8.49 5.53
N GLU A 160 22.33 -9.69 5.02
CA GLU A 160 22.01 -10.92 5.79
C GLU A 160 22.70 -10.91 7.15
N ASP A 161 23.97 -10.54 7.19
CA ASP A 161 24.74 -10.48 8.43
C ASP A 161 24.10 -9.44 9.39
N LYS A 162 23.68 -8.31 8.86
CA LYS A 162 23.19 -7.22 9.73
C LYS A 162 21.84 -7.63 10.32
N VAL A 163 20.98 -8.30 9.53
CA VAL A 163 19.69 -8.89 10.04
C VAL A 163 20.03 -9.79 11.24
N ILE A 164 21.00 -10.66 11.10
CA ILE A 164 21.29 -11.64 12.19
C ILE A 164 21.81 -10.88 13.41
N GLU A 165 22.73 -9.93 13.22
CA GLU A 165 23.29 -9.13 14.34
C GLU A 165 22.14 -8.46 15.11
N LEU A 166 21.15 -7.92 14.42
CA LEU A 166 20.06 -7.18 15.11
C LEU A 166 19.10 -8.19 15.72
N HIS A 167 18.92 -9.33 15.05
CA HIS A 167 18.04 -10.41 15.56
C HIS A 167 18.55 -10.87 16.94
N LYS A 168 19.85 -10.99 17.10
CA LYS A 168 20.42 -11.39 18.42
C LYS A 168 19.90 -10.48 19.52
N SER A 169 19.65 -9.19 19.23
CA SER A 169 19.34 -8.18 20.26
C SER A 169 17.87 -8.33 20.67
N HIS A 170 17.03 -9.08 19.93
CA HIS A 170 15.56 -9.10 20.19
C HIS A 170 15.12 -10.27 21.08
N ARG A 171 16.03 -10.96 21.74
CA ARG A 171 15.67 -12.17 22.54
C ARG A 171 14.52 -11.83 23.49
N GLY A 172 13.47 -12.66 23.52
CA GLY A 172 12.33 -12.55 24.45
C GLY A 172 11.15 -11.84 23.78
N MET A 173 11.38 -11.20 22.63
CA MET A 173 10.35 -10.39 21.97
C MET A 173 9.30 -11.34 21.37
N THR A 174 8.04 -11.06 21.60
CA THR A 174 6.91 -11.87 21.09
C THR A 174 6.53 -11.36 19.69
N PRO A 175 5.80 -12.16 18.90
CA PRO A 175 5.45 -11.76 17.54
C PRO A 175 4.73 -10.41 17.46
N ALA A 176 3.77 -10.14 18.34
CA ALA A 176 3.02 -8.88 18.35
C ALA A 176 3.96 -7.71 18.64
N GLU A 177 4.84 -7.88 19.61
CA GLU A 177 5.88 -6.90 19.96
C GLU A 177 6.79 -6.58 18.76
N ALA A 178 7.33 -7.59 18.08
CA ALA A 178 8.28 -7.39 16.95
C ALA A 178 7.53 -6.69 15.79
N GLU A 179 6.30 -7.09 15.55
CA GLU A 179 5.42 -6.51 14.50
C GLU A 179 5.19 -5.05 14.86
N MET A 180 4.95 -4.73 16.13
CA MET A 180 4.71 -3.30 16.48
C MET A 180 6.00 -2.50 16.22
N HIS A 181 7.16 -3.03 16.60
CA HIS A 181 8.48 -2.39 16.33
C HIS A 181 8.72 -2.22 14.81
N PHE A 182 8.40 -3.24 14.04
CA PHE A 182 8.51 -3.19 12.58
C PHE A 182 7.76 -1.93 12.11
N LEU A 183 6.51 -1.78 12.54
CA LEU A 183 5.61 -0.73 12.08
C LEU A 183 6.05 0.66 12.56
N GLU A 184 6.54 0.76 13.79
CA GLU A 184 7.03 2.05 14.37
C GLU A 184 8.16 2.57 13.48
N ASN A 185 9.00 1.66 12.96
CA ASN A 185 10.10 2.06 12.04
C ASN A 185 9.55 2.35 10.64
N ALA A 186 8.76 1.44 10.07
CA ALA A 186 8.32 1.54 8.66
C ALA A 186 7.49 2.81 8.47
N LYS A 187 6.66 3.16 9.45
CA LYS A 187 5.68 4.27 9.35
C LYS A 187 6.44 5.59 9.13
N LYS A 188 7.72 5.65 9.48
CA LYS A 188 8.49 6.92 9.44
C LYS A 188 9.11 7.14 8.07
N LEU A 189 9.14 6.11 7.23
CA LEU A 189 9.85 6.17 5.94
C LEU A 189 9.11 7.19 5.06
N SER A 190 9.86 7.98 4.32
CA SER A 190 9.33 9.11 3.53
C SER A 190 8.28 8.60 2.52
N MET A 191 8.38 7.37 2.00
CA MET A 191 7.39 6.84 1.03
C MET A 191 6.36 5.91 1.68
N TYR A 192 6.26 5.85 3.01
CA TYR A 192 5.24 5.00 3.68
C TYR A 192 3.83 5.40 3.26
N GLY A 193 3.11 4.45 2.69
CA GLY A 193 1.70 4.61 2.34
C GLY A 193 1.49 5.54 1.15
N VAL A 194 2.54 5.84 0.37
CA VAL A 194 2.44 6.76 -0.78
C VAL A 194 2.16 5.94 -2.03
N ASP A 195 1.00 6.19 -2.66
CA ASP A 195 0.60 5.62 -3.98
C ASP A 195 1.09 6.58 -5.07
N LEU A 196 2.05 6.15 -5.92
CA LEU A 196 2.72 7.01 -6.94
C LEU A 196 2.05 6.85 -8.30
N HIS A 197 1.79 7.96 -8.97
CA HIS A 197 1.17 8.01 -10.31
C HIS A 197 2.07 8.88 -11.20
N HIS A 198 2.54 8.32 -12.32
CA HIS A 198 3.21 9.08 -13.40
C HIS A 198 2.26 10.14 -13.99
N ALA A 199 2.78 11.34 -14.18
CA ALA A 199 2.05 12.49 -14.77
C ALA A 199 3.03 13.46 -15.42
N LYS A 200 2.49 14.36 -16.23
CA LYS A 200 3.22 15.56 -16.73
C LYS A 200 2.58 16.79 -16.10
N ASP A 201 3.38 17.81 -15.80
CA ASP A 201 2.85 19.11 -15.32
C ASP A 201 2.35 19.87 -16.54
N SER A 202 1.90 21.11 -16.37
CA SER A 202 1.31 21.96 -17.44
C SER A 202 2.35 22.34 -18.50
N GLU A 203 3.64 22.13 -18.24
CA GLU A 203 4.74 22.42 -19.18
C GLU A 203 5.23 21.12 -19.85
N GLY A 204 4.59 19.98 -19.57
CA GLY A 204 4.95 18.67 -20.16
C GLY A 204 6.14 18.01 -19.46
N VAL A 205 6.59 18.58 -18.32
CA VAL A 205 7.73 18.04 -17.52
C VAL A 205 7.18 16.85 -16.70
N GLU A 206 7.84 15.70 -16.83
CA GLU A 206 7.45 14.42 -16.20
C GLU A 206 7.63 14.53 -14.69
N ILE A 207 6.56 14.27 -13.95
CA ILE A 207 6.55 14.32 -12.47
C ILE A 207 5.95 13.01 -11.97
N MET A 208 5.96 12.83 -10.65
CA MET A 208 5.14 11.81 -9.98
C MET A 208 4.21 12.54 -9.04
N LEU A 209 2.98 12.09 -8.96
CA LEU A 209 2.01 12.53 -7.94
C LEU A 209 1.86 11.40 -6.90
N GLY A 210 2.02 11.73 -5.63
CA GLY A 210 1.89 10.72 -4.56
C GLY A 210 0.60 10.96 -3.81
N VAL A 211 -0.16 9.92 -3.52
CA VAL A 211 -1.42 10.04 -2.74
C VAL A 211 -1.18 9.32 -1.42
N CYS A 212 -1.41 9.98 -0.31
CA CYS A 212 -1.21 9.37 1.03
C CYS A 212 -2.16 10.05 2.02
N ALA A 213 -2.15 9.60 3.27
CA ALA A 213 -3.01 10.10 4.37
C ALA A 213 -2.96 11.64 4.51
N SER A 214 -1.77 12.22 4.38
CA SER A 214 -1.54 13.63 4.77
C SER A 214 -1.92 14.56 3.61
N GLY A 215 -1.83 14.07 2.37
CA GLY A 215 -2.30 14.88 1.23
C GLY A 215 -1.79 14.39 -0.09
N LEU A 216 -1.58 15.32 -1.01
CA LEU A 216 -1.06 15.02 -2.35
C LEU A 216 0.37 15.57 -2.43
N LEU A 217 1.29 14.78 -2.97
CA LEU A 217 2.72 15.16 -3.12
C LEU A 217 2.99 15.28 -4.62
N ILE A 218 3.68 16.34 -5.03
CA ILE A 218 4.15 16.50 -6.43
C ILE A 218 5.68 16.37 -6.34
N TYR A 219 6.22 15.29 -6.91
CA TYR A 219 7.68 15.01 -7.00
C TYR A 219 8.17 15.52 -8.36
N ARG A 220 8.61 16.78 -8.42
CA ARG A 220 9.16 17.44 -9.65
C ARG A 220 10.60 16.95 -9.85
N ASP A 221 11.51 17.40 -8.98
CA ASP A 221 12.93 16.94 -8.92
C ASP A 221 13.30 16.75 -7.45
N ARG A 222 14.57 16.46 -7.16
CA ARG A 222 15.07 16.19 -5.78
C ARG A 222 15.03 17.49 -4.95
N LEU A 223 15.14 18.66 -5.62
CA LEU A 223 15.13 20.00 -4.96
C LEU A 223 13.70 20.54 -4.86
N ARG A 224 12.77 20.06 -5.69
CA ARG A 224 11.40 20.60 -5.82
C ARG A 224 10.36 19.49 -5.52
N ILE A 225 9.87 19.44 -4.28
CA ILE A 225 8.78 18.52 -3.83
C ILE A 225 7.68 19.36 -3.16
N ASN A 226 6.55 19.56 -3.87
CA ASN A 226 5.38 20.34 -3.38
C ASN A 226 4.43 19.38 -2.65
N ARG A 227 3.85 19.84 -1.54
CA ARG A 227 2.95 19.04 -0.67
C ARG A 227 1.67 19.84 -0.42
N PHE A 228 0.51 19.25 -0.66
CA PHE A 228 -0.79 19.89 -0.45
C PHE A 228 -1.51 19.03 0.58
N ALA A 229 -1.44 19.41 1.86
CA ALA A 229 -2.24 18.77 2.94
C ALA A 229 -3.70 18.75 2.47
N TRP A 230 -4.44 17.68 2.77
CA TRP A 230 -5.85 17.52 2.33
C TRP A 230 -6.67 18.78 2.67
N PRO A 231 -6.59 19.36 3.91
CA PRO A 231 -7.28 20.61 4.21
C PRO A 231 -7.18 21.69 3.12
N LYS A 232 -6.02 21.78 2.46
CA LYS A 232 -5.70 22.81 1.44
C LYS A 232 -6.30 22.46 0.07
N VAL A 233 -6.95 21.29 -0.09
CA VAL A 233 -7.51 20.80 -1.39
C VAL A 233 -9.02 20.92 -1.36
N LEU A 234 -9.63 21.84 -2.12
CA LEU A 234 -11.12 22.03 -2.08
C LEU A 234 -11.82 21.12 -3.07
N LYS A 235 -11.23 20.92 -4.25
CA LYS A 235 -11.86 20.11 -5.32
C LYS A 235 -10.78 19.41 -6.14
N ILE A 236 -11.11 18.17 -6.49
CA ILE A 236 -10.35 17.19 -7.31
C ILE A 236 -11.23 16.89 -8.53
N SER A 237 -10.71 17.01 -9.75
CA SER A 237 -11.50 16.74 -10.99
C SER A 237 -10.63 16.07 -12.05
N TYR A 238 -11.26 15.34 -12.96
CA TYR A 238 -10.58 14.84 -14.18
C TYR A 238 -11.44 15.19 -15.39
N LYS A 239 -10.78 15.44 -16.51
CA LYS A 239 -11.48 15.60 -17.82
C LYS A 239 -10.52 15.13 -18.90
N ARG A 240 -10.96 14.19 -19.74
CA ARG A 240 -10.13 13.53 -20.78
C ARG A 240 -8.88 12.97 -20.07
N ASN A 241 -7.68 13.36 -20.47
CA ASN A 241 -6.39 12.83 -19.94
C ASN A 241 -5.88 13.71 -18.81
N ASN A 242 -6.70 14.63 -18.33
CA ASN A 242 -6.25 15.72 -17.42
C ASN A 242 -6.82 15.54 -16.02
N PHE A 243 -5.99 15.86 -15.05
CA PHE A 243 -6.33 15.80 -13.62
C PHE A 243 -6.05 17.17 -13.04
N TYR A 244 -7.03 17.73 -12.32
CA TYR A 244 -6.98 19.11 -11.78
C TYR A 244 -7.21 19.06 -10.28
N ILE A 245 -6.46 19.87 -9.53
CA ILE A 245 -6.76 20.13 -8.09
C ILE A 245 -6.94 21.64 -7.90
N LYS A 246 -7.97 21.99 -7.14
CA LYS A 246 -8.30 23.39 -6.69
C LYS A 246 -7.60 23.60 -5.33
N ILE A 247 -6.57 24.45 -5.24
CA ILE A 247 -5.75 24.74 -4.00
C ILE A 247 -6.28 26.02 -3.33
N ARG A 248 -6.80 25.87 -2.10
CA ARG A 248 -7.59 26.86 -1.33
C ARG A 248 -6.93 28.24 -1.40
N PRO A 249 -7.71 29.35 -1.30
CA PRO A 249 -7.13 30.66 -1.13
C PRO A 249 -6.37 30.64 0.21
N GLY A 250 -5.07 30.95 0.19
CA GLY A 250 -4.33 31.32 1.41
C GLY A 250 -4.86 32.64 1.98
N GLU A 251 -5.04 32.71 3.31
CA GLU A 251 -5.59 33.90 4.03
C GLU A 251 -5.39 35.18 3.23
N PHE A 252 -6.45 35.98 3.05
CA PHE A 252 -6.41 37.34 2.42
C PHE A 252 -6.19 37.24 0.91
N GLU A 253 -6.33 36.06 0.31
CA GLU A 253 -6.27 35.95 -1.17
C GLU A 253 -7.70 35.79 -1.67
N GLN A 254 -7.98 36.34 -2.84
CA GLN A 254 -9.36 36.45 -3.35
C GLN A 254 -9.76 35.10 -3.97
N PHE A 255 -8.80 34.39 -4.59
CA PHE A 255 -9.09 33.24 -5.50
C PHE A 255 -8.16 32.03 -5.26
N GLU A 256 -8.79 30.86 -5.11
CA GLU A 256 -8.19 29.51 -5.32
C GLU A 256 -7.24 29.49 -6.53
N SER A 257 -6.17 28.67 -6.51
CA SER A 257 -5.27 28.43 -7.67
C SER A 257 -5.60 27.05 -8.26
N THR A 258 -5.31 26.84 -9.55
CA THR A 258 -5.58 25.53 -10.22
C THR A 258 -4.27 25.00 -10.75
N ILE A 259 -4.01 23.73 -10.39
CA ILE A 259 -2.84 22.99 -10.89
C ILE A 259 -3.39 21.83 -11.73
N GLY A 260 -2.91 21.76 -12.96
CA GLY A 260 -3.34 20.78 -13.96
C GLY A 260 -2.22 19.82 -14.25
N PHE A 261 -2.59 18.55 -14.46
CA PHE A 261 -1.64 17.49 -14.84
C PHE A 261 -2.19 16.69 -16.02
N LYS A 262 -1.26 16.23 -16.84
CA LYS A 262 -1.52 15.33 -17.98
C LYS A 262 -1.21 13.91 -17.54
N LEU A 263 -2.19 13.02 -17.65
CA LEU A 263 -2.00 11.58 -17.35
C LEU A 263 -1.88 10.83 -18.68
N PRO A 264 -1.28 9.63 -18.64
CA PRO A 264 -1.03 8.83 -19.85
C PRO A 264 -2.27 8.64 -20.73
N ASN A 265 -3.42 8.48 -20.10
CA ASN A 265 -4.70 8.21 -20.78
C ASN A 265 -5.81 8.55 -19.81
N HIS A 266 -7.05 8.50 -20.28
CA HIS A 266 -8.28 8.84 -19.55
C HIS A 266 -8.47 7.94 -18.33
N ARG A 267 -8.17 6.65 -18.47
CA ARG A 267 -8.39 5.67 -17.37
C ARG A 267 -7.43 5.99 -16.24
N ALA A 268 -6.18 6.33 -16.56
CA ALA A 268 -5.17 6.71 -15.55
C ALA A 268 -5.60 8.00 -14.82
N ALA A 269 -6.24 8.95 -15.51
CA ALA A 269 -6.71 10.19 -14.86
C ALA A 269 -7.86 9.81 -13.91
N LYS A 270 -8.76 8.92 -14.35
CA LYS A 270 -9.95 8.56 -13.55
C LYS A 270 -9.46 7.85 -12.27
N ARG A 271 -8.54 6.91 -12.42
CA ARG A 271 -7.96 6.09 -11.33
C ARG A 271 -7.34 7.03 -10.28
N LEU A 272 -6.53 7.97 -10.71
CA LEU A 272 -5.88 8.95 -9.80
C LEU A 272 -6.97 9.75 -9.08
N TRP A 273 -7.96 10.26 -9.82
CA TRP A 273 -9.09 11.01 -9.21
C TRP A 273 -9.74 10.15 -8.11
N LYS A 274 -9.99 8.87 -8.35
CA LYS A 274 -10.80 8.07 -7.40
C LYS A 274 -9.97 7.77 -6.15
N VAL A 275 -8.68 7.50 -6.32
CA VAL A 275 -7.78 7.23 -5.15
C VAL A 275 -7.63 8.50 -4.32
N CYS A 276 -7.59 9.67 -4.94
CA CYS A 276 -7.51 10.96 -4.20
C CYS A 276 -8.79 11.19 -3.38
N VAL A 277 -9.97 11.07 -4.02
CA VAL A 277 -11.28 11.26 -3.33
C VAL A 277 -11.33 10.30 -2.13
N GLU A 278 -10.99 9.03 -2.34
CA GLU A 278 -11.05 8.00 -1.27
C GLU A 278 -10.08 8.36 -0.13
N HIS A 279 -8.84 8.74 -0.42
CA HIS A 279 -7.86 9.18 0.61
C HIS A 279 -8.38 10.44 1.31
N HIS A 280 -8.95 11.38 0.57
CA HIS A 280 -9.46 12.65 1.14
C HIS A 280 -10.55 12.31 2.17
N THR A 281 -11.47 11.41 1.82
CA THR A 281 -12.60 11.02 2.69
C THR A 281 -12.05 10.29 3.93
N PHE A 282 -11.20 9.31 3.72
CA PHE A 282 -10.70 8.41 4.79
C PHE A 282 -9.97 9.25 5.83
N PHE A 283 -9.07 10.11 5.39
CA PHE A 283 -8.08 10.76 6.28
C PHE A 283 -8.68 12.08 6.81
N ARG A 284 -9.81 12.50 6.24
CA ARG A 284 -10.77 13.50 6.83
C ARG A 284 -11.51 12.95 8.07
N LEU A 285 -11.69 11.63 8.16
CA LEU A 285 -12.38 10.94 9.30
C LEU A 285 -11.38 10.71 10.45
N LEU A 286 -10.13 11.15 10.30
CA LEU A 286 -9.06 10.97 11.32
C LEU A 286 -9.18 12.06 12.39
#